data_5UVX
#
_entry.id   5UVX
#
_cell.length_a   56.135
_cell.length_b   65.058
_cell.length_c   72.808
_cell.angle_alpha   90.00
_cell.angle_beta   90.00
_cell.angle_gamma   90.00
#
_symmetry.space_group_name_H-M   'P 21 21 21'
#
loop_
_entity.id
_entity.type
_entity.pdbx_description
1 polymer 'Bromodomain-containing protein 4'
2 non-polymer N-[3-(6-methyl-7-oxo-6,7-dihydro-1H-pyrrolo[2,3-c]pyridin-4-yl)-4-phenoxyphenyl]methanesulfonamide
3 water water
#
_entity_poly.entity_id   1
_entity_poly.type   'polypeptide(L)'
_entity_poly.pdbx_seq_one_letter_code
;SHMEQLKCCSGILKEMFAKKHAAYAWPFYKPVDVEALGLHDYCDIIKHPMDMSTIKSKLEAREYRDAQEFGADVRLMFSN
CYKYNPPDHEVVAMARKLQDVFEMRFAKM
;
_entity_poly.pdbx_strand_id   A,B
#
loop_
_chem_comp.id
_chem_comp.type
_chem_comp.name
_chem_comp.formula
8NM non-polymer N-[3-(6-methyl-7-oxo-6,7-dihydro-1H-pyrrolo[2,3-c]pyridin-4-yl)-4-phenoxyphenyl]methanesulfonamide 'C21 H19 N3 O4 S'
#
# COMPACT_ATOMS: atom_id res chain seq x y z
N HIS A 2 -17.48 2.24 14.31
CA HIS A 2 -16.17 2.61 13.78
C HIS A 2 -15.24 3.26 14.82
N MET A 3 -15.74 3.51 16.07
CA MET A 3 -14.89 4.11 17.12
C MET A 3 -13.67 3.22 17.45
N GLU A 4 -13.87 1.89 17.53
CA GLU A 4 -12.80 0.93 17.83
C GLU A 4 -11.75 0.88 16.71
N GLN A 5 -12.19 0.84 15.45
CA GLN A 5 -11.21 0.81 14.36
C GLN A 5 -10.44 2.13 14.29
N LEU A 6 -11.07 3.27 14.64
CA LEU A 6 -10.35 4.54 14.67
C LEU A 6 -9.32 4.63 15.81
N LYS A 7 -9.54 3.90 16.93
CA LYS A 7 -8.56 3.86 18.02
C LYS A 7 -7.34 3.07 17.54
N CYS A 8 -7.58 2.07 16.70
CA CYS A 8 -6.52 1.27 16.12
C CYS A 8 -5.71 2.14 15.13
N CYS A 9 -6.41 2.92 14.30
CA CYS A 9 -5.75 3.84 13.38
C CYS A 9 -4.83 4.80 14.14
N SER A 10 -5.32 5.37 15.25
CA SER A 10 -4.50 6.28 16.08
C SER A 10 -3.27 5.53 16.62
N GLY A 11 -3.45 4.26 17.02
CA GLY A 11 -2.34 3.43 17.50
C GLY A 11 -1.30 3.17 16.43
N ILE A 12 -1.76 2.92 15.20
CA ILE A 12 -0.86 2.67 14.07
C ILE A 12 -0.05 3.94 13.77
N LEU A 13 -0.73 5.10 13.73
CA LEU A 13 -0.03 6.36 13.46
C LEU A 13 0.99 6.65 14.58
N LYS A 14 0.64 6.39 15.84
CA LYS A 14 1.58 6.58 16.94
C LYS A 14 2.82 5.69 16.74
N GLU A 15 2.59 4.43 16.29
CA GLU A 15 3.69 3.52 16.01
C GLU A 15 4.57 4.10 14.87
N MET A 16 3.95 4.68 13.83
CA MET A 16 4.73 5.26 12.74
C MET A 16 5.62 6.44 13.20
N PHE A 17 5.21 7.12 14.28
CA PHE A 17 5.97 8.23 14.86
C PHE A 17 7.01 7.76 15.90
N ALA A 18 7.01 6.46 16.24
CA ALA A 18 7.92 5.92 17.28
C ALA A 18 9.38 6.06 16.95
N LYS A 19 10.20 6.18 18.01
CA LYS A 19 11.66 6.31 17.87
C LYS A 19 12.28 5.22 17.03
N LYS A 20 11.82 3.94 17.19
CA LYS A 20 12.41 2.84 16.44
C LYS A 20 12.31 2.96 14.91
N HIS A 21 11.36 3.81 14.39
CA HIS A 21 11.24 3.97 12.95
C HIS A 21 11.73 5.35 12.48
N ALA A 22 12.21 6.22 13.40
CA ALA A 22 12.59 7.59 13.04
C ALA A 22 13.61 7.69 11.91
N ALA A 23 14.56 6.77 11.81
CA ALA A 23 15.60 6.87 10.77
C ALA A 23 15.06 6.89 9.33
N TYR A 24 13.87 6.29 9.12
CA TYR A 24 13.26 6.35 7.79
C TYR A 24 11.91 7.08 7.76
N ALA A 25 11.28 7.28 8.93
CA ALA A 25 9.97 7.95 8.97
C ALA A 25 10.04 9.47 8.93
N TRP A 26 11.14 10.05 9.41
CA TRP A 26 11.23 11.49 9.60
C TRP A 26 10.84 12.37 8.38
N PRO A 27 11.09 11.99 7.10
CA PRO A 27 10.69 12.92 6.00
C PRO A 27 9.18 13.08 5.86
N PHE A 28 8.42 12.19 6.52
CA PHE A 28 6.95 12.14 6.41
C PHE A 28 6.26 12.76 7.63
N TYR A 29 7.02 13.24 8.63
CA TYR A 29 6.44 13.75 9.85
C TYR A 29 5.61 14.99 9.68
N LYS A 30 5.99 15.82 8.71
CA LYS A 30 5.30 17.10 8.50
C LYS A 30 5.23 17.41 7.01
N PRO A 31 4.42 18.42 6.59
CA PRO A 31 4.28 18.69 5.16
C PRO A 31 5.59 18.91 4.44
N VAL A 32 5.65 18.48 3.18
CA VAL A 32 6.82 18.71 2.32
C VAL A 32 6.94 20.25 2.18
N ASP A 33 8.09 20.80 2.61
CA ASP A 33 8.33 22.25 2.54
C ASP A 33 8.94 22.55 1.18
N VAL A 34 8.08 22.71 0.16
CA VAL A 34 8.47 22.88 -1.24
C VAL A 34 9.46 24.04 -1.45
N GLU A 35 9.21 25.19 -0.82
CA GLU A 35 10.08 26.37 -0.97
C GLU A 35 11.46 26.15 -0.33
N ALA A 36 11.51 25.65 0.92
CA ALA A 36 12.77 25.38 1.64
C ALA A 36 13.63 24.35 0.92
N LEU A 37 12.98 23.33 0.33
CA LEU A 37 13.68 22.27 -0.39
C LEU A 37 13.97 22.61 -1.86
N GLY A 38 13.31 23.63 -2.40
CA GLY A 38 13.45 24.02 -3.80
C GLY A 38 12.92 22.97 -4.77
N LEU A 39 11.85 22.23 -4.37
CA LEU A 39 11.27 21.17 -5.20
C LEU A 39 10.52 21.69 -6.39
N HIS A 40 11.14 21.50 -7.55
CA HIS A 40 10.63 21.94 -8.84
C HIS A 40 9.32 21.26 -9.19
N ASP A 41 8.28 22.08 -9.41
CA ASP A 41 6.95 21.67 -9.86
C ASP A 41 6.25 20.66 -8.92
N TYR A 42 6.61 20.66 -7.62
CA TYR A 42 5.95 19.73 -6.69
C TYR A 42 4.43 19.97 -6.68
N CYS A 43 4.00 21.22 -6.58
CA CYS A 43 2.57 21.53 -6.53
C CYS A 43 1.84 21.29 -7.84
N ASP A 44 2.56 21.26 -8.97
CA ASP A 44 1.96 20.97 -10.27
C ASP A 44 1.71 19.48 -10.40
N ILE A 45 2.62 18.65 -9.84
CA ILE A 45 2.55 17.19 -9.94
C ILE A 45 1.70 16.59 -8.81
N ILE A 46 1.83 17.11 -7.60
CA ILE A 46 1.13 16.61 -6.40
C ILE A 46 -0.02 17.56 -6.06
N LYS A 47 -1.23 17.16 -6.45
CA LYS A 47 -2.40 18.00 -6.23
C LYS A 47 -2.93 17.93 -4.81
N HIS A 48 -2.64 16.82 -4.11
CA HIS A 48 -3.16 16.59 -2.77
C HIS A 48 -2.03 16.16 -1.83
N PRO A 49 -1.24 17.13 -1.33
CA PRO A 49 -0.16 16.77 -0.40
C PRO A 49 -0.68 16.15 0.87
N MET A 50 0.12 15.28 1.49
CA MET A 50 -0.32 14.63 2.72
C MET A 50 0.94 14.25 3.52
N ASP A 51 0.82 14.27 4.84
CA ASP A 51 1.91 13.94 5.74
C ASP A 51 1.32 13.46 7.07
N MET A 52 2.17 12.91 7.93
CA MET A 52 1.72 12.31 9.18
C MET A 52 1.12 13.29 10.19
N SER A 53 1.62 14.54 10.23
CA SER A 53 1.05 15.53 11.16
C SER A 53 -0.35 15.92 10.73
N THR A 54 -0.60 16.05 9.40
CA THR A 54 -1.95 16.34 8.90
C THR A 54 -2.88 15.16 9.25
N ILE A 55 -2.42 13.92 9.04
CA ILE A 55 -3.24 12.75 9.39
C ILE A 55 -3.57 12.75 10.88
N LYS A 56 -2.57 13.05 11.73
CA LYS A 56 -2.78 13.12 13.18
C LYS A 56 -3.86 14.18 13.53
N SER A 57 -3.78 15.37 12.90
CA SER A 57 -4.75 16.45 13.12
C SER A 57 -6.14 16.02 12.69
N LYS A 58 -6.24 15.29 11.55
CA LYS A 58 -7.53 14.79 11.07
C LYS A 58 -8.13 13.76 12.02
N LEU A 59 -7.29 12.85 12.60
CA LEU A 59 -7.78 11.86 13.57
C LEU A 59 -8.31 12.59 14.82
N GLU A 60 -7.55 13.58 15.30
CA GLU A 60 -7.94 14.32 16.51
C GLU A 60 -9.24 15.10 16.30
N ALA A 61 -9.48 15.59 15.08
CA ALA A 61 -10.70 16.34 14.74
C ALA A 61 -11.84 15.40 14.33
N ARG A 62 -11.60 14.07 14.42
CA ARG A 62 -12.58 13.04 14.06
C ARG A 62 -13.05 13.18 12.58
N GLU A 63 -12.11 13.54 11.68
CA GLU A 63 -12.41 13.70 10.24
C GLU A 63 -12.54 12.38 9.48
N TYR A 64 -11.93 11.31 9.98
CA TYR A 64 -12.08 10.02 9.33
C TYR A 64 -13.27 9.29 9.91
N ARG A 65 -14.21 8.90 9.09
CA ARG A 65 -15.41 8.23 9.58
C ARG A 65 -15.19 6.75 9.73
N ASP A 66 -14.15 6.20 9.06
CA ASP A 66 -13.83 4.79 9.17
C ASP A 66 -12.34 4.58 8.88
N ALA A 67 -11.86 3.34 9.10
CA ALA A 67 -10.47 2.97 8.86
C ALA A 67 -10.08 3.14 7.38
N GLN A 68 -11.02 2.86 6.45
CA GLN A 68 -10.73 2.99 5.03
C GLN A 68 -10.29 4.43 4.65
N GLU A 69 -10.94 5.44 5.25
CA GLU A 69 -10.58 6.84 4.95
C GLU A 69 -9.21 7.18 5.51
N PHE A 70 -8.88 6.65 6.72
CA PHE A 70 -7.56 6.87 7.30
C PHE A 70 -6.49 6.22 6.40
N GLY A 71 -6.72 4.97 6.03
CA GLY A 71 -5.78 4.25 5.16
C GLY A 71 -5.57 4.94 3.83
N ALA A 72 -6.64 5.57 3.28
CA ALA A 72 -6.52 6.27 1.98
C ALA A 72 -5.57 7.46 2.12
N ASP A 73 -5.62 8.20 3.27
CA ASP A 73 -4.69 9.32 3.43
C ASP A 73 -3.24 8.83 3.65
N VAL A 74 -3.06 7.73 4.40
CA VAL A 74 -1.69 7.22 4.59
C VAL A 74 -1.13 6.79 3.23
N ARG A 75 -1.93 6.04 2.43
CA ARG A 75 -1.45 5.61 1.12
C ARG A 75 -1.25 6.78 0.18
N LEU A 76 -2.03 7.87 0.32
CA LEU A 76 -1.86 9.07 -0.50
C LEU A 76 -0.47 9.69 -0.19
N MET A 77 -0.12 9.76 1.11
CA MET A 77 1.19 10.27 1.53
C MET A 77 2.32 9.47 0.83
N PHE A 78 2.25 8.12 0.84
CA PHE A 78 3.28 7.32 0.18
C PHE A 78 3.21 7.46 -1.35
N SER A 79 1.98 7.41 -1.91
CA SER A 79 1.80 7.55 -3.36
C SER A 79 2.39 8.88 -3.87
N ASN A 80 2.20 9.98 -3.13
CA ASN A 80 2.75 11.28 -3.56
C ASN A 80 4.28 11.17 -3.68
N CYS A 81 4.90 10.52 -2.69
CA CYS A 81 6.34 10.33 -2.67
C CYS A 81 6.81 9.50 -3.88
N TYR A 82 6.11 8.38 -4.16
CA TYR A 82 6.49 7.55 -5.33
C TYR A 82 6.21 8.29 -6.63
N LYS A 83 5.12 9.09 -6.68
CA LYS A 83 4.77 9.80 -7.90
C LYS A 83 5.80 10.91 -8.21
N TYR A 84 6.10 11.75 -7.23
CA TYR A 84 6.97 12.90 -7.47
C TYR A 84 8.41 12.54 -7.77
N ASN A 85 8.99 11.70 -6.94
CA ASN A 85 10.40 11.39 -6.99
C ASN A 85 10.79 10.30 -7.98
N PRO A 86 12.05 10.34 -8.48
CA PRO A 86 12.53 9.23 -9.33
C PRO A 86 12.58 7.96 -8.48
N PRO A 87 12.37 6.76 -9.08
CA PRO A 87 12.37 5.52 -8.30
C PRO A 87 13.61 5.22 -7.48
N ASP A 88 14.78 5.77 -7.87
CA ASP A 88 16.06 5.55 -7.19
C ASP A 88 16.33 6.52 -6.04
N HIS A 89 15.41 7.45 -5.77
CA HIS A 89 15.60 8.45 -4.73
C HIS A 89 15.62 7.81 -3.34
N GLU A 90 16.54 8.29 -2.48
CA GLU A 90 16.64 7.78 -1.10
C GLU A 90 15.31 7.93 -0.34
N VAL A 91 14.57 9.04 -0.57
CA VAL A 91 13.32 9.25 0.15
C VAL A 91 12.29 8.16 -0.22
N VAL A 92 12.36 7.62 -1.44
CA VAL A 92 11.47 6.54 -1.90
C VAL A 92 11.77 5.27 -1.12
N ALA A 93 13.07 4.95 -0.92
CA ALA A 93 13.49 3.76 -0.15
C ALA A 93 12.96 3.90 1.29
N MET A 94 13.01 5.14 1.83
CA MET A 94 12.51 5.42 3.18
C MET A 94 10.98 5.25 3.25
N ALA A 95 10.27 5.76 2.25
CA ALA A 95 8.80 5.60 2.16
C ALA A 95 8.43 4.11 2.16
N ARG A 96 9.17 3.29 1.39
CA ARG A 96 8.88 1.84 1.37
C ARG A 96 9.03 1.20 2.74
N LYS A 97 10.09 1.59 3.48
CA LYS A 97 10.31 1.03 4.82
C LYS A 97 9.17 1.43 5.76
N LEU A 98 8.72 2.70 5.68
CA LEU A 98 7.63 3.13 6.56
C LEU A 98 6.30 2.48 6.13
N GLN A 99 6.10 2.31 4.82
CA GLN A 99 4.89 1.67 4.34
C GLN A 99 4.81 0.21 4.81
N ASP A 100 5.99 -0.48 5.03
CA ASP A 100 6.04 -1.86 5.58
C ASP A 100 5.34 -1.82 6.94
N VAL A 101 5.72 -0.82 7.80
CA VAL A 101 5.14 -0.66 9.15
C VAL A 101 3.64 -0.50 9.06
N PHE A 102 3.19 0.42 8.20
CA PHE A 102 1.79 0.71 8.09
C PHE A 102 0.98 -0.48 7.56
N GLU A 103 1.38 -1.05 6.41
CA GLU A 103 0.55 -2.08 5.80
C GLU A 103 0.37 -3.32 6.68
N MET A 104 1.47 -3.75 7.30
CA MET A 104 1.49 -4.96 8.14
C MET A 104 0.57 -4.78 9.36
N ARG A 105 0.46 -3.56 9.90
CA ARG A 105 -0.42 -3.33 11.06
C ARG A 105 -1.85 -3.05 10.65
N PHE A 106 -2.03 -2.23 9.58
CA PHE A 106 -3.33 -1.85 9.06
C PHE A 106 -4.13 -3.08 8.67
N ALA A 107 -3.44 -4.11 8.15
CA ALA A 107 -4.11 -5.35 7.73
C ALA A 107 -4.66 -6.16 8.93
N LYS A 108 -4.13 -5.92 10.13
CA LYS A 108 -4.54 -6.63 11.38
C LYS A 108 -5.70 -5.89 12.10
N MET A 109 -6.31 -4.90 11.42
CA MET A 109 -7.46 -4.04 11.84
C MET A 109 -8.61 -4.89 12.36
N GLN B 5 -5.79 5.21 -15.92
CA GLN B 5 -5.99 4.55 -17.22
C GLN B 5 -5.93 3.02 -17.09
N LEU B 6 -6.93 2.29 -17.65
CA LEU B 6 -7.01 0.83 -17.62
C LEU B 6 -5.93 0.14 -18.46
N LYS B 7 -5.42 0.83 -19.53
CA LYS B 7 -4.33 0.29 -20.35
C LYS B 7 -3.04 0.30 -19.53
N CYS B 8 -2.85 1.37 -18.71
CA CYS B 8 -1.69 1.46 -17.81
C CYS B 8 -1.78 0.37 -16.76
N CYS B 9 -3.03 0.07 -16.21
CA CYS B 9 -3.27 -1.01 -15.22
C CYS B 9 -2.86 -2.36 -15.80
N SER B 10 -3.23 -2.62 -17.07
CA SER B 10 -2.82 -3.86 -17.74
C SER B 10 -1.28 -3.94 -17.86
N GLY B 11 -0.64 -2.80 -18.14
CA GLY B 11 0.81 -2.72 -18.20
C GLY B 11 1.47 -2.98 -16.84
N ILE B 12 0.86 -2.47 -15.78
CA ILE B 12 1.38 -2.68 -14.42
C ILE B 12 1.27 -4.18 -14.04
N LEU B 13 0.13 -4.79 -14.34
CA LEU B 13 -0.05 -6.20 -14.05
C LEU B 13 0.93 -7.05 -14.84
N LYS B 14 1.18 -6.71 -16.13
CA LYS B 14 2.16 -7.43 -16.94
C LYS B 14 3.53 -7.31 -16.27
N GLU B 15 3.88 -6.11 -15.76
CA GLU B 15 5.16 -5.91 -15.07
C GLU B 15 5.22 -6.81 -13.83
N MET B 16 4.12 -6.90 -13.07
CA MET B 16 4.12 -7.75 -11.88
C MET B 16 4.34 -9.24 -12.19
N PHE B 17 3.96 -9.68 -13.41
CA PHE B 17 4.13 -11.05 -13.88
C PHE B 17 5.51 -11.27 -14.54
N ALA B 18 6.31 -10.21 -14.73
CA ALA B 18 7.60 -10.27 -15.43
C ALA B 18 8.63 -11.16 -14.75
N LYS B 19 9.50 -11.79 -15.56
CA LYS B 19 10.55 -12.66 -15.03
C LYS B 19 11.42 -11.99 -13.98
N LYS B 20 11.78 -10.70 -14.16
CA LYS B 20 12.63 -10.00 -13.20
C LYS B 20 12.05 -9.95 -11.75
N HIS B 21 10.72 -10.12 -11.58
CA HIS B 21 10.11 -10.10 -10.24
C HIS B 21 9.64 -11.48 -9.79
N ALA B 22 9.81 -12.53 -10.61
CA ALA B 22 9.33 -13.87 -10.28
C ALA B 22 9.79 -14.43 -8.95
N ALA B 23 11.02 -14.14 -8.51
CA ALA B 23 11.54 -14.70 -7.25
C ALA B 23 10.67 -14.34 -6.03
N TYR B 24 9.97 -13.19 -6.06
CA TYR B 24 9.08 -12.84 -4.96
C TYR B 24 7.60 -12.78 -5.38
N ALA B 25 7.30 -12.67 -6.69
CA ALA B 25 5.90 -12.56 -7.11
C ALA B 25 5.14 -13.89 -7.24
N TRP B 26 5.88 -15.01 -7.46
CA TRP B 26 5.24 -16.27 -7.78
C TRP B 26 4.14 -16.73 -6.80
N PRO B 27 4.19 -16.51 -5.44
CA PRO B 27 3.09 -17.01 -4.60
C PRO B 27 1.75 -16.29 -4.82
N PHE B 28 1.78 -15.20 -5.58
CA PHE B 28 0.59 -14.36 -5.84
C PHE B 28 0.01 -14.57 -7.24
N TYR B 29 0.64 -15.44 -8.05
CA TYR B 29 0.21 -15.65 -9.43
C TYR B 29 -1.17 -16.24 -9.56
N LYS B 30 -1.57 -17.07 -8.60
CA LYS B 30 -2.84 -17.76 -8.65
C LYS B 30 -3.47 -17.86 -7.27
N PRO B 31 -4.77 -18.23 -7.16
CA PRO B 31 -5.42 -18.26 -5.84
C PRO B 31 -4.69 -19.12 -4.83
N VAL B 32 -4.72 -18.69 -3.56
CA VAL B 32 -4.14 -19.46 -2.46
C VAL B 32 -4.86 -20.82 -2.44
N ASP B 33 -4.10 -21.91 -2.58
CA ASP B 33 -4.65 -23.28 -2.59
C ASP B 33 -4.72 -23.75 -1.17
N VAL B 34 -5.80 -23.37 -0.47
CA VAL B 34 -6.01 -23.66 0.95
C VAL B 34 -5.89 -25.15 1.31
N GLU B 35 -6.47 -26.04 0.50
CA GLU B 35 -6.40 -27.47 0.81
C GLU B 35 -4.98 -28.05 0.62
N ALA B 36 -4.30 -27.72 -0.49
CA ALA B 36 -2.94 -28.20 -0.78
C ALA B 36 -1.95 -27.70 0.27
N LEU B 37 -2.14 -26.46 0.77
CA LEU B 37 -1.28 -25.86 1.78
C LEU B 37 -1.66 -26.21 3.21
N GLY B 38 -2.88 -26.71 3.40
CA GLY B 38 -3.38 -27.04 4.73
C GLY B 38 -3.69 -25.85 5.61
N LEU B 39 -4.21 -24.75 5.00
CA LEU B 39 -4.58 -23.55 5.76
C LEU B 39 -6.09 -23.66 6.09
N HIS B 40 -6.42 -24.54 7.06
CA HIS B 40 -7.80 -24.88 7.48
C HIS B 40 -8.70 -23.70 7.93
N ASP B 41 -8.09 -22.56 8.34
CA ASP B 41 -8.81 -21.37 8.82
C ASP B 41 -8.74 -20.17 7.85
N TYR B 42 -8.08 -20.34 6.69
CA TYR B 42 -7.91 -19.25 5.70
C TYR B 42 -9.23 -18.60 5.27
N CYS B 43 -10.25 -19.43 4.92
CA CYS B 43 -11.55 -18.91 4.48
C CYS B 43 -12.35 -18.23 5.58
N ASP B 44 -12.09 -18.54 6.85
CA ASP B 44 -12.75 -17.90 7.97
C ASP B 44 -12.19 -16.50 8.20
N ILE B 45 -10.87 -16.34 7.99
CA ILE B 45 -10.15 -15.08 8.21
C ILE B 45 -10.19 -14.17 6.98
N ILE B 46 -10.05 -14.75 5.79
CA ILE B 46 -10.01 -14.02 4.52
C ILE B 46 -11.34 -14.20 3.80
N LYS B 47 -12.20 -13.19 3.89
CA LYS B 47 -13.53 -13.26 3.29
C LYS B 47 -13.52 -13.02 1.79
N HIS B 48 -12.51 -12.28 1.29
CA HIS B 48 -12.43 -11.94 -0.12
C HIS B 48 -11.04 -12.25 -0.68
N PRO B 49 -10.78 -13.54 -1.00
CA PRO B 49 -9.46 -13.89 -1.56
C PRO B 49 -9.22 -13.18 -2.87
N MET B 50 -7.95 -12.92 -3.16
CA MET B 50 -7.58 -12.26 -4.40
C MET B 50 -6.18 -12.65 -4.80
N ASP B 51 -5.93 -12.70 -6.12
CA ASP B 51 -4.63 -13.07 -6.68
C ASP B 51 -4.48 -12.46 -8.05
N MET B 52 -3.28 -12.51 -8.61
CA MET B 52 -2.97 -11.87 -9.89
C MET B 52 -3.72 -12.45 -11.09
N SER B 53 -3.98 -13.77 -11.10
CA SER B 53 -4.72 -14.37 -12.22
C SER B 53 -6.17 -13.89 -12.23
N THR B 54 -6.80 -13.78 -11.03
CA THR B 54 -8.17 -13.26 -10.91
C THR B 54 -8.19 -11.80 -11.40
N ILE B 55 -7.19 -10.98 -10.99
CA ILE B 55 -7.13 -9.58 -11.43
C ILE B 55 -7.01 -9.52 -12.96
N LYS B 56 -6.14 -10.37 -13.53
CA LYS B 56 -5.97 -10.44 -14.99
C LYS B 56 -7.29 -10.77 -15.69
N SER B 57 -8.05 -11.74 -15.15
CA SER B 57 -9.34 -12.15 -15.73
C SER B 57 -10.33 -10.98 -15.66
N LYS B 58 -10.32 -10.24 -14.54
CA LYS B 58 -11.22 -9.09 -14.41
C LYS B 58 -10.84 -7.97 -15.39
N LEU B 59 -9.53 -7.72 -15.61
CA LEU B 59 -9.10 -6.71 -16.59
C LEU B 59 -9.54 -7.11 -17.99
N GLU B 60 -9.36 -8.40 -18.33
CA GLU B 60 -9.71 -8.90 -19.67
C GLU B 60 -11.21 -8.82 -19.94
N ALA B 61 -12.03 -9.00 -18.89
CA ALA B 61 -13.49 -8.92 -19.00
C ALA B 61 -13.95 -7.45 -18.92
N ARG B 62 -13.01 -6.49 -18.75
CA ARG B 62 -13.32 -5.04 -18.59
C ARG B 62 -14.26 -4.81 -17.39
N GLU B 63 -14.03 -5.57 -16.31
CA GLU B 63 -14.82 -5.53 -15.10
C GLU B 63 -14.53 -4.26 -14.27
N TYR B 64 -13.26 -3.77 -14.28
CA TYR B 64 -12.90 -2.59 -13.48
C TYR B 64 -13.41 -1.34 -14.18
N ARG B 65 -14.16 -0.50 -13.40
CA ARG B 65 -14.71 0.77 -13.90
C ARG B 65 -13.64 1.81 -14.12
N ASP B 66 -12.56 1.74 -13.33
CA ASP B 66 -11.48 2.72 -13.33
C ASP B 66 -10.22 2.14 -12.67
N ALA B 67 -9.12 2.89 -12.68
CA ALA B 67 -7.84 2.48 -12.09
C ALA B 67 -7.97 2.27 -10.59
N GLN B 68 -8.81 3.06 -9.91
CA GLN B 68 -9.00 2.92 -8.46
C GLN B 68 -9.51 1.53 -8.07
N GLU B 69 -10.44 0.96 -8.87
CA GLU B 69 -10.97 -0.38 -8.58
C GLU B 69 -9.90 -1.43 -8.83
N PHE B 70 -9.07 -1.28 -9.87
CA PHE B 70 -7.97 -2.21 -10.12
C PHE B 70 -7.00 -2.16 -8.92
N GLY B 71 -6.58 -0.96 -8.52
CA GLY B 71 -5.69 -0.80 -7.37
C GLY B 71 -6.26 -1.38 -6.08
N ALA B 72 -7.57 -1.26 -5.88
CA ALA B 72 -8.20 -1.81 -4.67
C ALA B 72 -8.08 -3.35 -4.65
N ASP B 73 -8.21 -4.02 -5.82
CA ASP B 73 -8.05 -5.48 -5.83
C ASP B 73 -6.58 -5.88 -5.60
N VAL B 74 -5.63 -5.12 -6.17
CA VAL B 74 -4.21 -5.44 -5.95
C VAL B 74 -3.91 -5.27 -4.45
N ARG B 75 -4.36 -4.15 -3.84
CA ARG B 75 -4.11 -3.97 -2.41
C ARG B 75 -4.85 -4.97 -1.55
N LEU B 76 -6.00 -5.46 -1.99
CA LEU B 76 -6.74 -6.51 -1.27
C LEU B 76 -5.88 -7.79 -1.24
N MET B 77 -5.29 -8.16 -2.39
CA MET B 77 -4.40 -9.33 -2.50
C MET B 77 -3.27 -9.21 -1.45
N PHE B 78 -2.60 -8.03 -1.37
CA PHE B 78 -1.53 -7.85 -0.39
C PHE B 78 -2.07 -7.83 1.03
N SER B 79 -3.17 -7.06 1.27
CA SER B 79 -3.78 -6.97 2.59
C SER B 79 -4.15 -8.37 3.14
N ASN B 80 -4.70 -9.26 2.28
CA ASN B 80 -5.07 -10.60 2.73
C ASN B 80 -3.84 -11.33 3.25
N CYS B 81 -2.72 -11.18 2.51
CA CYS B 81 -1.43 -11.82 2.89
C CYS B 81 -0.95 -11.28 4.25
N TYR B 82 -0.98 -9.94 4.43
CA TYR B 82 -0.55 -9.35 5.70
C TYR B 82 -1.51 -9.72 6.84
N LYS B 83 -2.80 -9.85 6.53
CA LYS B 83 -3.79 -10.16 7.54
C LYS B 83 -3.66 -11.60 8.04
N TYR B 84 -3.60 -12.54 7.09
CA TYR B 84 -3.59 -13.96 7.45
C TYR B 84 -2.30 -14.42 8.14
N ASN B 85 -1.18 -14.06 7.55
CA ASN B 85 0.13 -14.55 7.99
C ASN B 85 0.75 -13.74 9.12
N PRO B 86 1.62 -14.39 9.94
CA PRO B 86 2.36 -13.62 10.96
C PRO B 86 3.31 -12.65 10.27
N PRO B 87 3.63 -11.50 10.91
CA PRO B 87 4.48 -10.50 10.25
C PRO B 87 5.87 -10.97 9.82
N ASP B 88 6.41 -12.02 10.47
CA ASP B 88 7.75 -12.50 10.15
C ASP B 88 7.76 -13.57 9.06
N HIS B 89 6.59 -13.90 8.49
CA HIS B 89 6.51 -14.94 7.46
C HIS B 89 7.25 -14.49 6.19
N GLU B 90 7.99 -15.43 5.55
CA GLU B 90 8.70 -15.12 4.32
C GLU B 90 7.73 -14.63 3.23
N VAL B 91 6.49 -15.19 3.17
CA VAL B 91 5.55 -14.77 2.12
C VAL B 91 5.17 -13.29 2.29
N VAL B 92 5.17 -12.78 3.53
CA VAL B 92 4.89 -11.35 3.81
C VAL B 92 6.01 -10.48 3.27
N ALA B 93 7.28 -10.91 3.45
CA ALA B 93 8.44 -10.17 2.93
C ALA B 93 8.34 -10.14 1.39
N MET B 94 7.87 -11.24 0.78
CA MET B 94 7.70 -11.33 -0.68
C MET B 94 6.59 -10.39 -1.13
N ALA B 95 5.46 -10.38 -0.41
CA ALA B 95 4.34 -9.49 -0.71
C ALA B 95 4.82 -8.04 -0.67
N ARG B 96 5.59 -7.64 0.36
CA ARG B 96 6.05 -6.24 0.40
C ARG B 96 6.94 -5.87 -0.80
N LYS B 97 7.82 -6.80 -1.25
CA LYS B 97 8.68 -6.55 -2.41
C LYS B 97 7.81 -6.36 -3.66
N LEU B 98 6.78 -7.21 -3.83
CA LEU B 98 5.91 -7.07 -5.01
C LEU B 98 5.07 -5.80 -4.90
N GLN B 99 4.61 -5.47 -3.68
CA GLN B 99 3.82 -4.25 -3.49
C GLN B 99 4.64 -3.02 -3.81
N ASP B 100 5.92 -2.99 -3.50
CA ASP B 100 6.71 -1.80 -3.84
C ASP B 100 6.76 -1.58 -5.36
N VAL B 101 6.81 -2.68 -6.14
CA VAL B 101 6.78 -2.62 -7.61
C VAL B 101 5.43 -2.04 -8.04
N PHE B 102 4.32 -2.59 -7.53
CA PHE B 102 2.99 -2.10 -7.87
C PHE B 102 2.83 -0.61 -7.49
N GLU B 103 3.15 -0.24 -6.23
CA GLU B 103 2.90 1.11 -5.76
C GLU B 103 3.66 2.15 -6.56
N MET B 104 4.87 1.81 -7.00
CA MET B 104 5.68 2.74 -7.79
C MET B 104 5.01 2.96 -9.15
N ARG B 105 4.59 1.87 -9.81
CA ARG B 105 3.97 2.00 -11.14
C ARG B 105 2.60 2.66 -11.05
N PHE B 106 1.84 2.32 -10.02
CA PHE B 106 0.50 2.82 -9.87
C PHE B 106 0.49 4.32 -9.57
N ALA B 107 1.47 4.80 -8.81
CA ALA B 107 1.60 6.23 -8.50
C ALA B 107 2.01 7.07 -9.71
N LYS B 108 2.70 6.45 -10.69
CA LYS B 108 3.19 7.09 -11.94
C LYS B 108 2.15 7.01 -13.09
N MET B 109 0.98 6.46 -12.87
CA MET B 109 0.00 6.37 -13.96
C MET B 109 -0.66 7.71 -14.28
C4 8NM C . 13.68 17.13 4.37
C5 8NM C . 14.72 13.16 2.79
C6 8NM C . 15.80 13.48 0.69
C7 8NM C . 14.31 16.40 3.40
C8 8NM C . 12.71 15.78 -0.83
C10 8NM C . 12.46 15.46 -2.13
C13 8NM C . 12.30 17.21 4.37
C15 8NM C . 13.57 15.75 2.43
C17 8NM C . 10.26 14.53 1.70
C20 8NM C . 8.30 13.14 1.38
C21 8NM C . 9.22 17.19 5.86
C1 8NM C . 16.27 11.54 1.97
C2 8NM C . 15.39 11.97 2.93
C3 8NM C . 16.48 12.30 0.84
C9 8NM C . 11.57 16.56 3.39
C11 8NM C . 11.67 15.20 -0.05
C12 8NM C . 12.19 15.83 2.40
C14 8NM C . 14.93 13.91 1.67
C16 8NM C . 10.83 14.56 -0.93
C18 8NM C . 11.38 15.18 1.34
C19 8NM C . 9.63 13.84 -0.54
N22 8NM C . 11.32 14.71 -2.20
N23 8NM C . 9.43 13.88 0.82
N24 8NM C . 11.76 18.00 5.43
O25 8NM C . 8.91 13.28 -1.37
O26 8NM C . 10.00 19.57 6.41
O27 8NM C . 9.89 18.93 3.95
O28 8NM C . 14.27 15.10 1.43
S29 8NM C . 10.18 18.61 5.34
H4 8NM C . 14.25 17.64 5.14
H5 8NM C . 14.03 13.47 3.57
H6 8NM C . 15.96 14.08 -0.20
H7 8NM C . 15.40 16.33 3.40
H8 8NM C . 13.53 16.38 -0.48
H10 8NM C . 13.01 15.71 -3.03
H17 8NM C . 9.98 14.46 2.74
H202 8NM C . 8.62 12.65 2.29
H203 8NM C . 7.95 12.38 0.68
H201 8NM C . 7.48 13.83 1.60
H1 8NM C . 16.80 10.60 2.11
H2 8NM C . 15.23 11.38 3.82
H3 8NM C . 17.17 11.96 0.08
H9 8NM C . 10.49 16.62 3.38
H22 8NM C . 10.90 14.36 -3.05
H11 8NM C . 8.32 17.56 6.33
H12 8NM C . 8.98 16.59 4.99
H13 8NM C . 9.82 16.62 6.57
H14 8NM C . 12.09 17.72 6.36
C4 8NM D . 2.85 -21.98 -2.63
C5 8NM D . 5.56 -19.31 -0.68
C6 8NM D . 5.56 -19.63 1.68
C7 8NM D . 3.50 -21.65 -1.46
C8 8NM D . 1.41 -19.97 2.30
C10 8NM D . 1.02 -19.47 3.52
C13 8NM D . 1.68 -21.32 -2.97
C15 8NM D . 3.01 -20.66 -0.64
C17 8NM D . 0.82 -17.80 -0.69
C20 8NM D . -0.18 -15.60 -0.78
C21 8NM D . -0.53 -19.73 -5.13
C1 8NM D . 7.42 -18.56 0.62
C2 8NM D . 6.80 -18.70 -0.60
C3 8NM D . 6.78 -19.02 1.75
C9 8NM D . 1.19 -20.32 -2.14
C11 8NM D . 1.10 -19.00 1.32
C12 8NM D . 1.83 -19.99 -0.96
C14 8NM D . 4.93 -19.76 0.46
C16 8NM D . 0.50 -17.95 1.98
C18 8NM D . 1.25 -18.93 -0.10
C19 8NM D . 0.02 -16.75 1.36
N22 8NM D . 0.46 -18.24 3.31
N23 8NM D . 0.23 -16.75 0.00
N24 8NM D . 1.08 -21.72 -4.20
O25 8NM D . -0.54 -15.86 2.00
O26 8NM D . -0.90 -22.20 -5.67
O27 8NM D . -1.41 -21.48 -3.34
O28 8NM D . 3.69 -20.40 0.53
S29 8NM D . -0.56 -21.40 -4.50
H4 8NM D . 3.23 -22.74 -3.28
H5 8NM D . 5.08 -19.40 -1.65
H6 8NM D . 5.07 -19.99 2.59
H7 8NM D . 4.42 -22.16 -1.19
H8 8NM D . 1.88 -20.94 2.16
H10 8NM D . 1.05 -19.89 4.51
H17 8NM D . 0.89 -17.65 -1.76
H202 8NM D . 0.73 -15.11 -1.15
H203 8NM D . -0.78 -14.90 -0.19
H201 8NM D . -0.76 -15.95 -1.64
H1 8NM D . 8.39 -18.09 0.70
H2 8NM D . 7.29 -18.33 -1.50
H3 8NM D . 7.26 -18.90 2.71
H9 8NM D . 0.28 -19.80 -2.39
H22 8NM D . 0.05 -17.65 4.03
H11 8NM D . -1.43 -19.59 -5.71
H12 8NM D . -0.51 -19.04 -4.29
H13 8NM D . 0.36 -19.62 -5.76
H14 8NM D . 1.71 -21.60 -5.00
#